data_2BU2
#
_entry.id   2BU2
#
_cell.length_a   108.703
_cell.length_b   108.703
_cell.length_c   83.855
_cell.angle_alpha   90.00
_cell.angle_beta   90.00
_cell.angle_gamma   120.00
#
_symmetry.space_group_name_H-M   'P 64'
#
loop_
_entity.id
_entity.type
_entity.pdbx_description
1 polymer 'PYRUVATE DEHYDROGENSAE KINASE ISOENZYME 2'
2 non-polymer "ADENOSINE-5'-TRIPHOSPHATE"
3 non-polymer 4-({(2R,5S)-2,5-DIMETHYL-4-[(2R)-3,3,3-TRIFLUORO-2-HYDROXY-2-METHYLPROPANOYL]PIPERAZIN-1-YL}CARBONYL)BENZONITRILE
4 non-polymer 'MAGNESIUM ION'
5 water water
#
_entity_poly.entity_id   1
_entity_poly.type   'polypeptide(L)'
_entity_poly.pdbx_seq_one_letter_code
;GSAPKYIEHFSKFSPSPLSMKQFLDFGSSNACEKTSFTFLRQELPVRLANIMKEINLLPDRVLSTPSVQLVQSWYVQSLL
DIMEFLDKDPEDHRTLSQFTDALVTIRNRHNDVVPTMAQGVLEYKDTYGDDPVSNQNIQYFLDRFYLSRISIRMLINQHT
LIFDGSTNPAHPKHIGSIDPNCNVSEVVKDAYDMAKLLCDKYYMASPDLEIQEINAANSKQPIHMVYVPSHLYHMLFELF
KNAMRATVESHESSLILPPIKVMVALGEEDLSIKMSDRGGGVPLRKIERLFSYMYSTAPTPQPGTGGTPLAGFGYGLPIS
RLYAKYFQGDLQLFSMEGFGTDAVIYLKALSTDSVERLPVYNKSAWRHYQTIQEAGDWCVPSTEPKNTSTYRVS
;
_entity_poly.pdbx_strand_id   A
#
loop_
_chem_comp.id
_chem_comp.type
_chem_comp.name
_chem_comp.formula
ATP non-polymer ADENOSINE-5'-TRIPHOSPHATE 'C10 H16 N5 O13 P3'
MG non-polymer 'MAGNESIUM ION' 'Mg 2'
TF1 non-polymer 4-({(2R,5S)-2,5-DIMETHYL-4-[(2R)-3,3,3-TRIFLUORO-2-HYDROXY-2-METHYLPROPANOYL]PIPERAZIN-1-YL}CARBONYL)BENZONITRILE 'C18 H20 F3 N3 O3'
#
# COMPACT_ATOMS: atom_id res chain seq x y z
N GLY A 1 23.41 19.38 11.49
CA GLY A 1 22.41 20.41 11.85
C GLY A 1 21.83 21.06 10.62
N SER A 2 21.79 20.33 9.51
CA SER A 2 21.26 20.89 8.26
C SER A 2 20.12 20.09 7.59
N ALA A 3 19.42 19.27 8.36
CA ALA A 3 18.31 18.50 7.81
C ALA A 3 17.22 19.43 7.28
N PRO A 4 16.88 20.49 8.04
CA PRO A 4 15.84 21.42 7.58
C PRO A 4 16.19 22.09 6.26
N LYS A 5 17.48 22.17 5.95
CA LYS A 5 17.95 22.78 4.72
C LYS A 5 17.75 21.81 3.57
N TYR A 6 18.23 20.59 3.77
CA TYR A 6 18.11 19.55 2.76
C TYR A 6 16.65 19.36 2.36
N ILE A 7 15.81 19.19 3.38
CA ILE A 7 14.39 19.01 3.18
C ILE A 7 13.84 20.15 2.34
N GLU A 8 14.21 21.37 2.69
CA GLU A 8 13.75 22.56 1.96
C GLU A 8 14.17 22.53 0.49
N HIS A 9 15.32 21.92 0.23
CA HIS A 9 15.86 21.84 -1.11
C HIS A 9 15.17 20.82 -2.00
N PHE A 10 15.27 19.54 -1.63
CA PHE A 10 14.65 18.48 -2.40
C PHE A 10 13.13 18.59 -2.38
N SER A 11 12.61 19.36 -1.43
CA SER A 11 11.17 19.57 -1.29
C SER A 11 10.69 20.48 -2.42
N LYS A 12 11.62 20.99 -3.20
CA LYS A 12 11.27 21.87 -4.30
C LYS A 12 10.98 21.03 -5.53
N PHE A 13 11.66 19.90 -5.64
CA PHE A 13 11.45 18.98 -6.75
C PHE A 13 10.17 18.18 -6.53
N SER A 14 9.64 17.61 -7.60
CA SER A 14 8.45 16.78 -7.51
C SER A 14 8.93 15.36 -7.80
N PRO A 15 8.35 14.36 -7.11
CA PRO A 15 8.79 12.99 -7.37
C PRO A 15 8.42 12.58 -8.79
N SER A 16 9.23 11.69 -9.38
CA SER A 16 9.01 11.24 -10.75
C SER A 16 8.29 9.90 -10.86
N PRO A 17 7.00 9.93 -11.20
CA PRO A 17 6.28 8.66 -11.31
C PRO A 17 6.85 7.78 -12.42
N LEU A 18 7.11 6.52 -12.09
CA LEU A 18 7.66 5.55 -13.02
C LEU A 18 6.57 4.57 -13.45
N SER A 19 6.66 4.08 -14.68
CA SER A 19 5.67 3.14 -15.19
C SER A 19 6.25 1.73 -15.06
N MET A 20 5.38 0.75 -14.97
CA MET A 20 5.85 -0.62 -14.84
C MET A 20 6.65 -1.08 -16.04
N LYS A 21 6.46 -0.44 -17.20
CA LYS A 21 7.26 -0.87 -18.34
C LYS A 21 8.67 -0.33 -18.15
N GLN A 22 8.79 0.87 -17.59
CA GLN A 22 10.11 1.45 -17.33
C GLN A 22 10.87 0.56 -16.34
N PHE A 23 10.12 -0.11 -15.47
CA PHE A 23 10.70 -1.01 -14.48
C PHE A 23 11.15 -2.29 -15.18
N LEU A 24 10.32 -2.76 -16.11
CA LEU A 24 10.59 -3.98 -16.87
C LEU A 24 11.69 -3.80 -17.92
N ASP A 25 11.59 -2.72 -18.70
CA ASP A 25 12.57 -2.43 -19.75
C ASP A 25 13.87 -2.01 -19.09
N PHE A 26 14.24 -2.72 -18.02
CA PHE A 26 15.44 -2.41 -17.29
C PHE A 26 16.24 -3.65 -16.90
N SER A 29 20.60 -8.53 -14.79
CA SER A 29 21.53 -7.99 -13.79
C SER A 29 22.63 -7.15 -14.41
N ASN A 30 22.54 -5.84 -14.21
CA ASN A 30 23.49 -4.86 -14.70
C ASN A 30 23.06 -4.06 -15.93
N ALA A 31 21.85 -3.52 -15.88
CA ALA A 31 21.36 -2.65 -16.95
C ALA A 31 21.95 -1.37 -16.38
N CYS A 32 23.07 -1.59 -15.70
CA CYS A 32 23.85 -0.58 -14.99
C CYS A 32 23.08 -0.17 -13.77
N GLU A 33 23.74 -0.29 -12.61
CA GLU A 33 23.11 0.13 -11.39
C GLU A 33 23.71 1.50 -11.13
N LYS A 34 24.68 1.84 -11.98
CA LYS A 34 25.30 3.14 -11.91
C LYS A 34 24.15 4.05 -12.32
N THR A 35 23.44 3.61 -13.35
CA THR A 35 22.28 4.34 -13.89
C THR A 35 21.20 4.44 -12.83
N SER A 36 21.06 3.38 -12.03
CA SER A 36 20.07 3.37 -10.96
C SER A 36 20.58 4.19 -9.78
N PHE A 37 21.86 4.00 -9.47
CA PHE A 37 22.50 4.72 -8.37
C PHE A 37 22.34 6.23 -8.54
N THR A 38 22.70 6.73 -9.72
CA THR A 38 22.60 8.16 -9.99
C THR A 38 21.15 8.63 -10.00
N PHE A 39 20.23 7.75 -10.35
CA PHE A 39 18.82 8.11 -10.35
C PHE A 39 18.26 8.13 -8.94
N LEU A 40 18.57 7.10 -8.16
CA LEU A 40 18.06 7.00 -6.80
C LEU A 40 18.65 8.03 -5.83
N ARG A 41 19.85 8.51 -6.13
CA ARG A 41 20.52 9.52 -5.30
C ARG A 41 19.73 10.81 -5.26
N GLN A 42 19.03 11.09 -6.35
CA GLN A 42 18.22 12.29 -6.47
C GLN A 42 16.75 12.03 -6.13
N GLU A 43 16.22 10.91 -6.64
CA GLU A 43 14.82 10.58 -6.44
C GLU A 43 14.42 10.24 -4.99
N LEU A 44 15.20 9.39 -4.32
CA LEU A 44 14.87 9.04 -2.93
C LEU A 44 14.83 10.31 -2.07
N PRO A 45 15.84 11.17 -2.19
CA PRO A 45 15.88 12.41 -1.40
C PRO A 45 14.67 13.31 -1.71
N VAL A 46 14.21 13.28 -2.96
CA VAL A 46 13.05 14.08 -3.34
C VAL A 46 11.78 13.50 -2.70
N ARG A 47 11.66 12.18 -2.70
CA ARG A 47 10.48 11.56 -2.11
C ARG A 47 10.49 11.66 -0.59
N LEU A 48 11.65 11.41 0.02
CA LEU A 48 11.78 11.50 1.48
C LEU A 48 11.41 12.91 1.93
N ALA A 49 12.02 13.90 1.29
CA ALA A 49 11.79 15.31 1.62
C ALA A 49 10.35 15.74 1.45
N ASN A 50 9.67 15.26 0.40
CA ASN A 50 8.28 15.65 0.18
C ASN A 50 7.37 15.13 1.28
N ILE A 51 7.56 13.89 1.70
CA ILE A 51 6.69 13.40 2.76
C ILE A 51 7.10 14.00 4.12
N MET A 52 8.36 14.36 4.25
CA MET A 52 8.83 14.97 5.49
C MET A 52 8.37 16.41 5.59
N LYS A 53 8.27 17.06 4.44
CA LYS A 53 7.84 18.44 4.38
C LYS A 53 6.38 18.50 4.82
N GLU A 54 5.61 17.53 4.35
CA GLU A 54 4.20 17.44 4.69
C GLU A 54 4.00 17.24 6.18
N ILE A 55 4.76 16.32 6.74
CA ILE A 55 4.74 15.99 8.15
C ILE A 55 4.96 17.24 9.01
N ASN A 56 6.02 17.99 8.71
CA ASN A 56 6.38 19.20 9.44
C ASN A 56 5.30 20.27 9.50
N LEU A 57 4.32 20.21 8.60
CA LEU A 57 3.28 21.22 8.60
C LEU A 57 2.01 20.73 9.31
N LEU A 58 2.18 19.64 10.05
CA LEU A 58 1.11 19.03 10.84
C LEU A 58 0.90 19.80 12.14
N PRO A 59 -0.32 19.82 12.68
CA PRO A 59 -0.50 20.54 13.94
C PRO A 59 0.58 20.08 14.91
N ASP A 60 1.08 20.99 15.74
CA ASP A 60 2.12 20.63 16.70
C ASP A 60 1.59 19.62 17.71
N ARG A 61 0.26 19.54 17.85
CA ARG A 61 -0.34 18.60 18.78
C ARG A 61 -0.24 17.16 18.24
N VAL A 62 0.11 17.03 16.96
CA VAL A 62 0.29 15.73 16.34
C VAL A 62 1.79 15.54 16.27
N LEU A 63 2.46 16.62 15.88
CA LEU A 63 3.91 16.66 15.75
C LEU A 63 4.68 16.28 17.01
N SER A 64 4.26 16.81 18.15
CA SER A 64 4.94 16.56 19.42
C SER A 64 4.87 15.14 19.99
N THR A 65 3.96 14.32 19.48
CA THR A 65 3.82 12.96 19.99
C THR A 65 5.08 12.15 19.71
N PRO A 66 5.48 11.28 20.66
CA PRO A 66 6.67 10.45 20.48
C PRO A 66 6.53 9.69 19.17
N SER A 67 5.26 9.49 18.81
CA SER A 67 4.84 8.80 17.60
C SER A 67 5.49 9.37 16.36
N VAL A 68 4.90 10.46 15.94
CA VAL A 68 5.34 11.15 14.78
C VAL A 68 6.81 11.59 14.86
N GLN A 69 7.26 11.96 16.06
CA GLN A 69 8.65 12.39 16.22
C GLN A 69 9.65 11.27 16.00
N LEU A 70 9.30 10.07 16.41
CA LEU A 70 10.20 8.93 16.24
C LEU A 70 10.35 8.57 14.76
N VAL A 71 9.21 8.52 14.08
CA VAL A 71 9.16 8.20 12.65
C VAL A 71 9.85 9.33 11.90
N GLN A 72 9.53 10.55 12.30
CA GLN A 72 10.13 11.72 11.69
C GLN A 72 11.63 11.74 11.89
N SER A 73 12.12 11.03 12.90
CA SER A 73 13.56 11.01 13.14
C SER A 73 14.19 9.93 12.26
N TRP A 74 13.46 8.85 12.00
CA TRP A 74 14.00 7.81 11.13
C TRP A 74 14.18 8.43 9.74
N TYR A 75 13.18 9.16 9.27
CA TYR A 75 13.27 9.78 7.95
C TYR A 75 14.41 10.78 7.87
N VAL A 76 14.65 11.52 8.95
CA VAL A 76 15.74 12.49 8.94
C VAL A 76 17.06 11.75 8.75
N GLN A 77 17.22 10.62 9.44
CA GLN A 77 18.44 9.85 9.33
C GLN A 77 18.57 9.12 8.00
N SER A 78 17.44 8.75 7.39
CA SER A 78 17.52 8.07 6.11
C SER A 78 17.91 9.08 5.04
N LEU A 79 17.38 10.30 5.15
CA LEU A 79 17.72 11.35 4.21
C LEU A 79 19.24 11.57 4.28
N LEU A 80 19.76 11.78 5.49
CA LEU A 80 21.19 12.00 5.69
C LEU A 80 21.98 10.78 5.24
N ASP A 81 21.42 9.60 5.52
CA ASP A 81 22.05 8.34 5.15
C ASP A 81 22.33 8.25 3.66
N ILE A 82 21.41 8.76 2.85
CA ILE A 82 21.58 8.68 1.39
C ILE A 82 22.31 9.84 0.74
N MET A 83 22.55 10.91 1.48
CA MET A 83 23.24 12.03 0.87
C MET A 83 24.72 11.74 0.68
N GLU A 84 25.32 11.07 1.66
CA GLU A 84 26.73 10.72 1.61
C GLU A 84 27.21 10.40 0.20
N PHE A 85 26.29 9.98 -0.66
CA PHE A 85 26.60 9.60 -2.04
C PHE A 85 26.40 10.68 -3.10
N LEU A 86 25.95 11.86 -2.71
CA LEU A 86 25.72 12.94 -3.68
C LEU A 86 26.96 13.39 -4.44
N ASP A 87 28.11 13.38 -3.78
CA ASP A 87 29.35 13.79 -4.44
C ASP A 87 30.21 12.61 -4.87
N LYS A 88 29.81 11.40 -4.47
CA LYS A 88 30.58 10.22 -4.84
C LYS A 88 30.63 10.10 -6.35
N ASP A 89 31.24 9.02 -6.81
CA ASP A 89 31.38 8.77 -8.22
C ASP A 89 31.22 7.28 -8.46
N PRO A 90 30.38 6.90 -9.43
CA PRO A 90 30.22 5.47 -9.68
C PRO A 90 31.58 4.94 -10.11
N GLU A 91 31.61 4.07 -11.12
CA GLU A 91 32.87 3.50 -11.57
C GLU A 91 33.52 2.72 -10.43
N ASP A 92 33.52 3.30 -9.23
CA ASP A 92 34.09 2.62 -8.07
C ASP A 92 33.10 1.54 -7.66
N HIS A 93 33.40 0.30 -8.05
CA HIS A 93 32.56 -0.85 -7.74
C HIS A 93 32.28 -0.99 -6.26
N ARG A 94 32.84 -0.08 -5.47
CA ARG A 94 32.69 -0.09 -4.02
C ARG A 94 31.79 1.07 -3.57
N THR A 95 31.73 2.13 -4.38
CA THR A 95 30.92 3.29 -4.08
C THR A 95 29.43 2.96 -4.23
N LEU A 96 29.12 2.01 -5.09
CA LEU A 96 27.73 1.64 -5.32
C LEU A 96 27.30 0.39 -4.56
N SER A 97 28.26 -0.26 -3.89
CA SER A 97 27.92 -1.44 -3.09
C SER A 97 27.67 -0.96 -1.66
N GLN A 98 28.00 0.29 -1.41
CA GLN A 98 27.79 0.90 -0.11
C GLN A 98 26.44 1.56 -0.15
N PHE A 99 25.93 1.75 -1.37
CA PHE A 99 24.62 2.35 -1.57
C PHE A 99 23.61 1.24 -1.30
N THR A 100 23.84 0.08 -1.91
CA THR A 100 22.96 -1.07 -1.72
C THR A 100 22.83 -1.39 -0.24
N ASP A 101 23.95 -1.39 0.48
CA ASP A 101 23.91 -1.66 1.90
C ASP A 101 23.22 -0.52 2.62
N ALA A 102 23.44 0.70 2.13
CA ALA A 102 22.82 1.87 2.71
C ALA A 102 21.29 1.80 2.56
N LEU A 103 20.82 1.15 1.50
CA LEU A 103 19.38 1.02 1.25
C LEU A 103 18.76 -0.05 2.14
N VAL A 104 19.41 -1.20 2.24
CA VAL A 104 18.91 -2.30 3.06
C VAL A 104 18.80 -1.82 4.50
N THR A 105 19.74 -0.97 4.92
CA THR A 105 19.76 -0.46 6.28
C THR A 105 18.63 0.54 6.52
N ILE A 106 18.31 1.35 5.51
CA ILE A 106 17.24 2.34 5.62
C ILE A 106 15.87 1.65 5.60
N ARG A 107 15.73 0.64 4.75
CA ARG A 107 14.49 -0.09 4.63
C ARG A 107 14.11 -0.72 5.97
N ASN A 108 15.08 -1.38 6.59
CA ASN A 108 14.86 -2.03 7.86
C ASN A 108 14.67 -1.02 8.98
N ARG A 109 15.24 0.16 8.84
CA ARG A 109 15.08 1.20 9.85
C ARG A 109 13.63 1.67 9.95
N HIS A 110 12.88 1.52 8.86
CA HIS A 110 11.47 1.95 8.82
C HIS A 110 10.48 0.79 8.88
N ASN A 111 10.99 -0.42 9.06
CA ASN A 111 10.12 -1.59 9.08
C ASN A 111 8.91 -1.58 10.00
N ASP A 112 8.98 -0.88 11.12
CA ASP A 112 7.85 -0.87 12.04
C ASP A 112 7.06 0.42 12.10
N VAL A 113 6.96 1.11 10.96
CA VAL A 113 6.21 2.38 10.92
C VAL A 113 4.72 2.23 11.17
N VAL A 114 4.11 1.27 10.50
CA VAL A 114 2.67 1.08 10.65
C VAL A 114 2.20 0.98 12.10
N PRO A 115 2.82 0.10 12.90
CA PRO A 115 2.40 -0.03 14.30
C PRO A 115 2.72 1.24 15.11
N THR A 116 3.83 1.89 14.74
CA THR A 116 4.27 3.12 15.40
C THR A 116 3.24 4.22 15.15
N MET A 117 2.87 4.41 13.88
CA MET A 117 1.88 5.42 13.52
C MET A 117 0.51 5.10 14.14
N ALA A 118 0.17 3.83 14.16
CA ALA A 118 -1.09 3.38 14.73
C ALA A 118 -1.20 3.80 16.20
N GLN A 119 -0.05 3.87 16.86
CA GLN A 119 0.02 4.25 18.25
C GLN A 119 -0.25 5.75 18.41
N GLY A 120 0.09 6.53 17.38
CA GLY A 120 -0.16 7.96 17.43
C GLY A 120 -1.62 8.21 17.19
N VAL A 121 -2.23 7.36 16.38
CA VAL A 121 -3.66 7.48 16.09
C VAL A 121 -4.42 7.26 17.38
N LEU A 122 -4.03 6.21 18.10
CA LEU A 122 -4.65 5.87 19.37
C LEU A 122 -4.45 7.02 20.36
N GLU A 123 -3.22 7.52 20.45
CA GLU A 123 -2.95 8.63 21.36
C GLU A 123 -3.92 9.77 21.03
N TYR A 124 -4.05 10.07 19.74
CA TYR A 124 -4.92 11.15 19.30
C TYR A 124 -6.39 10.88 19.68
N LYS A 125 -6.84 9.66 19.46
CA LYS A 125 -8.21 9.25 19.78
C LYS A 125 -8.56 9.53 21.25
N ASP A 126 -7.61 9.24 22.14
CA ASP A 126 -7.85 9.43 23.56
C ASP A 126 -7.44 10.81 24.08
N THR A 127 -6.55 11.47 23.35
CA THR A 127 -6.09 12.79 23.77
C THR A 127 -7.01 13.92 23.26
N TYR A 128 -7.56 13.78 22.06
CA TYR A 128 -8.43 14.84 21.51
C TYR A 128 -9.80 14.37 21.05
N GLY A 129 -10.02 13.06 20.98
CA GLY A 129 -11.32 12.58 20.55
C GLY A 129 -11.35 12.12 19.10
N ASP A 130 -12.44 11.45 18.73
CA ASP A 130 -12.60 10.94 17.37
C ASP A 130 -13.79 11.55 16.63
N ASP A 131 -13.61 12.76 16.14
CA ASP A 131 -14.66 13.46 15.41
C ASP A 131 -14.36 13.42 13.90
N PRO A 132 -15.42 13.53 13.08
CA PRO A 132 -15.32 13.50 11.61
C PRO A 132 -14.18 14.32 11.01
N VAL A 133 -13.99 15.54 11.49
CA VAL A 133 -12.92 16.36 10.93
C VAL A 133 -11.55 15.76 11.23
N SER A 134 -11.25 15.50 12.50
CA SER A 134 -9.95 14.93 12.82
C SER A 134 -9.75 13.59 12.10
N ASN A 135 -10.84 12.87 11.85
CA ASN A 135 -10.73 11.60 11.13
C ASN A 135 -10.35 11.84 9.68
N GLN A 136 -10.99 12.83 9.07
CA GLN A 136 -10.73 13.16 7.68
C GLN A 136 -9.28 13.61 7.50
N ASN A 137 -8.82 14.44 8.41
CA ASN A 137 -7.45 14.94 8.36
C ASN A 137 -6.44 13.82 8.51
N ILE A 138 -6.69 12.93 9.48
CA ILE A 138 -5.82 11.79 9.74
C ILE A 138 -5.85 10.84 8.54
N GLN A 139 -7.04 10.64 7.98
CA GLN A 139 -7.24 9.77 6.83
C GLN A 139 -6.45 10.34 5.65
N TYR A 140 -6.64 11.62 5.40
CA TYR A 140 -5.95 12.31 4.32
C TYR A 140 -4.44 12.15 4.48
N PHE A 141 -3.95 12.41 5.69
CA PHE A 141 -2.51 12.33 5.94
C PHE A 141 -1.92 10.91 5.88
N LEU A 142 -2.54 9.95 6.56
CA LEU A 142 -2.05 8.58 6.55
C LEU A 142 -2.13 7.94 5.16
N ASP A 143 -3.16 8.27 4.40
CA ASP A 143 -3.26 7.71 3.07
C ASP A 143 -2.05 8.18 2.25
N ARG A 144 -1.76 9.47 2.31
CA ARG A 144 -0.62 10.00 1.56
C ARG A 144 0.70 9.50 2.11
N PHE A 145 0.84 9.52 3.42
CA PHE A 145 2.07 9.07 4.07
C PHE A 145 2.37 7.63 3.70
N TYR A 146 1.38 6.76 3.82
CA TYR A 146 1.58 5.35 3.48
C TYR A 146 1.81 5.12 1.98
N LEU A 147 1.11 5.85 1.12
CA LEU A 147 1.33 5.68 -0.32
C LEU A 147 2.78 6.05 -0.58
N SER A 148 3.20 7.19 -0.06
CA SER A 148 4.57 7.65 -0.21
C SER A 148 5.54 6.53 0.20
N ARG A 149 5.31 5.93 1.37
CA ARG A 149 6.20 4.86 1.87
C ARG A 149 6.27 3.67 0.93
N ILE A 150 5.11 3.26 0.42
CA ILE A 150 5.03 2.13 -0.51
C ILE A 150 5.89 2.42 -1.76
N SER A 151 5.82 3.65 -2.27
CA SER A 151 6.57 4.03 -3.46
C SER A 151 8.07 4.04 -3.23
N ILE A 152 8.50 4.44 -2.03
CA ILE A 152 9.91 4.46 -1.70
C ILE A 152 10.40 3.03 -1.56
N ARG A 153 9.62 2.20 -0.89
CA ARG A 153 10.00 0.81 -0.70
C ARG A 153 10.03 0.04 -2.03
N MET A 154 9.24 0.48 -3.01
CA MET A 154 9.24 -0.17 -4.30
C MET A 154 10.59 0.09 -4.96
N LEU A 155 11.01 1.36 -4.97
CA LEU A 155 12.28 1.73 -5.57
C LEU A 155 13.42 0.96 -4.93
N ILE A 156 13.50 1.02 -3.61
CA ILE A 156 14.55 0.34 -2.87
C ILE A 156 14.58 -1.17 -3.12
N ASN A 157 13.43 -1.82 -3.07
CA ASN A 157 13.40 -3.25 -3.30
C ASN A 157 13.80 -3.58 -4.73
N GLN A 158 13.47 -2.69 -5.67
CA GLN A 158 13.84 -2.94 -7.06
C GLN A 158 15.35 -2.92 -7.19
N HIS A 159 15.99 -1.99 -6.50
CA HIS A 159 17.44 -1.89 -6.55
C HIS A 159 18.13 -3.05 -5.84
N THR A 160 17.81 -3.26 -4.56
CA THR A 160 18.44 -4.34 -3.81
C THR A 160 18.25 -5.73 -4.41
N LEU A 161 17.06 -6.02 -4.92
CA LEU A 161 16.79 -7.33 -5.51
C LEU A 161 17.50 -7.53 -6.85
N ILE A 162 17.47 -6.52 -7.71
CA ILE A 162 18.11 -6.61 -9.02
C ILE A 162 19.63 -6.68 -8.92
N PHE A 163 20.20 -6.00 -7.91
CA PHE A 163 21.65 -5.97 -7.74
C PHE A 163 22.18 -6.74 -6.53
N ASP A 164 21.41 -7.74 -6.09
CA ASP A 164 21.78 -8.58 -4.95
C ASP A 164 23.28 -8.61 -4.67
N PRO A 172 16.67 -13.91 -16.21
CA PRO A 172 15.34 -14.52 -16.33
C PRO A 172 14.11 -13.95 -15.60
N LYS A 173 13.03 -14.71 -15.73
CA LYS A 173 11.68 -14.45 -15.22
C LYS A 173 11.29 -13.20 -14.41
N HIS A 174 11.87 -12.96 -13.24
CA HIS A 174 11.47 -11.78 -12.48
C HIS A 174 12.42 -10.59 -12.55
N ILE A 175 11.86 -9.39 -12.65
CA ILE A 175 12.69 -8.20 -12.68
C ILE A 175 12.49 -7.48 -11.35
N GLY A 176 13.18 -7.98 -10.34
CA GLY A 176 13.08 -7.42 -9.01
C GLY A 176 11.85 -8.01 -8.34
N SER A 177 10.91 -7.15 -7.98
CA SER A 177 9.68 -7.60 -7.37
C SER A 177 8.59 -7.69 -8.45
N ILE A 178 8.98 -7.47 -9.70
CA ILE A 178 8.01 -7.52 -10.79
C ILE A 178 7.98 -8.81 -11.57
N ASP A 179 6.78 -9.35 -11.74
CA ASP A 179 6.60 -10.57 -12.51
C ASP A 179 5.95 -10.10 -13.81
N PRO A 180 6.67 -10.24 -14.94
CA PRO A 180 6.13 -9.83 -16.24
C PRO A 180 5.07 -10.79 -16.73
N ASN A 181 4.99 -11.95 -16.09
CA ASN A 181 3.99 -12.97 -16.44
C ASN A 181 3.28 -13.55 -15.22
N CYS A 182 2.77 -12.66 -14.37
CA CYS A 182 2.07 -13.06 -13.16
C CYS A 182 0.74 -13.74 -13.48
N ASN A 183 0.57 -14.97 -13.00
CA ASN A 183 -0.64 -15.75 -13.20
C ASN A 183 -1.56 -15.43 -12.02
N VAL A 184 -2.44 -14.43 -12.22
CA VAL A 184 -3.35 -13.97 -11.19
C VAL A 184 -4.01 -15.09 -10.40
N SER A 185 -4.63 -16.04 -11.10
CA SER A 185 -5.29 -17.16 -10.43
C SER A 185 -4.38 -17.90 -9.47
N GLU A 186 -3.11 -18.02 -9.81
CA GLU A 186 -2.18 -18.73 -8.94
C GLU A 186 -1.97 -17.93 -7.65
N VAL A 187 -1.83 -16.62 -7.78
CA VAL A 187 -1.65 -15.80 -6.59
C VAL A 187 -2.90 -15.90 -5.72
N VAL A 188 -4.08 -15.93 -6.35
CA VAL A 188 -5.34 -16.06 -5.64
C VAL A 188 -5.30 -17.34 -4.79
N LYS A 189 -4.98 -18.45 -5.45
CA LYS A 189 -4.88 -19.78 -4.82
C LYS A 189 -4.00 -19.75 -3.58
N ASP A 190 -2.82 -19.13 -3.72
CA ASP A 190 -1.85 -19.04 -2.63
C ASP A 190 -2.35 -18.21 -1.45
N ALA A 191 -2.84 -17.00 -1.72
CA ALA A 191 -3.36 -16.13 -0.67
C ALA A 191 -4.47 -16.91 0.04
N TYR A 192 -5.26 -17.62 -0.74
CA TYR A 192 -6.34 -18.41 -0.18
C TYR A 192 -5.82 -19.51 0.74
N ASP A 193 -4.90 -20.33 0.24
CA ASP A 193 -4.33 -21.43 1.03
C ASP A 193 -3.75 -20.91 2.36
N MET A 194 -3.05 -19.79 2.30
CA MET A 194 -2.46 -19.23 3.51
C MET A 194 -3.56 -18.79 4.46
N ALA A 195 -4.60 -18.17 3.93
CA ALA A 195 -5.70 -17.72 4.76
C ALA A 195 -6.41 -18.91 5.39
N LYS A 196 -6.67 -19.94 4.59
CA LYS A 196 -7.34 -21.16 5.06
C LYS A 196 -6.62 -21.77 6.26
N LEU A 197 -5.30 -21.88 6.14
CA LEU A 197 -4.48 -22.45 7.20
C LEU A 197 -4.72 -21.70 8.51
N LEU A 198 -4.69 -20.37 8.47
CA LEU A 198 -4.91 -19.57 9.68
C LEU A 198 -6.34 -19.73 10.18
N CYS A 199 -7.28 -19.74 9.25
CA CYS A 199 -8.68 -19.89 9.59
C CYS A 199 -8.93 -21.25 10.25
N ASP A 200 -8.35 -22.30 9.69
CA ASP A 200 -8.51 -23.65 10.24
C ASP A 200 -7.97 -23.76 11.67
N LYS A 201 -6.81 -23.17 11.93
CA LYS A 201 -6.23 -23.22 13.25
C LYS A 201 -7.07 -22.52 14.31
N TYR A 202 -7.59 -21.36 13.97
CA TYR A 202 -8.39 -20.57 14.90
C TYR A 202 -9.86 -20.98 15.01
N TYR A 203 -10.48 -21.39 13.91
CA TYR A 203 -11.89 -21.78 13.92
C TYR A 203 -12.13 -23.27 13.62
N MET A 204 -11.10 -23.98 13.20
CA MET A 204 -11.22 -25.40 12.88
C MET A 204 -12.38 -25.71 11.95
N ALA A 205 -12.50 -24.85 10.94
CA ALA A 205 -13.52 -24.94 9.92
C ALA A 205 -13.19 -23.78 8.99
N SER A 206 -13.29 -24.00 7.70
CA SER A 206 -12.97 -22.94 6.76
C SER A 206 -13.77 -23.11 5.48
N PRO A 207 -14.10 -21.99 4.86
CA PRO A 207 -14.87 -22.01 3.61
C PRO A 207 -13.97 -22.43 2.45
N ASP A 208 -14.55 -23.05 1.42
CA ASP A 208 -13.80 -23.47 0.26
C ASP A 208 -13.58 -22.32 -0.73
N LEU A 209 -12.86 -22.61 -1.82
CA LEU A 209 -12.59 -21.61 -2.83
C LEU A 209 -13.06 -22.04 -4.20
N GLU A 210 -13.62 -21.10 -4.94
CA GLU A 210 -14.06 -21.34 -6.30
C GLU A 210 -13.46 -20.18 -7.09
N ILE A 211 -12.88 -20.47 -8.25
CA ILE A 211 -12.31 -19.43 -9.07
C ILE A 211 -12.83 -19.55 -10.48
N GLN A 212 -13.15 -18.40 -11.07
CA GLN A 212 -13.63 -18.36 -12.43
C GLN A 212 -12.90 -17.24 -13.15
N GLU A 213 -12.45 -17.52 -14.36
CA GLU A 213 -11.78 -16.53 -15.17
C GLU A 213 -12.64 -16.12 -16.35
N ILE A 214 -12.51 -14.85 -16.75
CA ILE A 214 -13.23 -14.33 -17.89
C ILE A 214 -12.24 -13.53 -18.72
N ASN A 215 -11.58 -14.20 -19.65
CA ASN A 215 -10.62 -13.50 -20.50
C ASN A 215 -11.49 -13.04 -21.66
N ALA A 216 -11.82 -11.75 -21.68
CA ALA A 216 -12.67 -11.22 -22.73
C ALA A 216 -12.17 -11.49 -24.14
N ALA A 217 -11.03 -10.89 -24.49
CA ALA A 217 -10.43 -11.05 -25.82
C ALA A 217 -9.99 -12.46 -26.20
N ASN A 218 -9.48 -13.22 -25.22
CA ASN A 218 -9.03 -14.58 -25.50
C ASN A 218 -9.64 -15.59 -24.55
N SER A 219 -10.91 -15.87 -24.82
CA SER A 219 -11.76 -16.77 -24.06
C SER A 219 -11.16 -17.86 -23.17
N LYS A 220 -10.11 -18.53 -23.60
CA LYS A 220 -9.60 -19.61 -22.74
C LYS A 220 -8.20 -19.45 -22.23
N GLN A 221 -7.46 -18.50 -22.77
CA GLN A 221 -6.13 -18.32 -22.29
C GLN A 221 -6.10 -17.94 -20.83
N PRO A 222 -5.16 -18.50 -20.07
CA PRO A 222 -5.09 -18.15 -18.65
C PRO A 222 -4.79 -16.65 -18.56
N ILE A 223 -5.26 -16.01 -17.51
CA ILE A 223 -5.04 -14.59 -17.33
C ILE A 223 -3.71 -14.27 -16.66
N HIS A 224 -2.88 -13.54 -17.39
CA HIS A 224 -1.56 -13.14 -16.91
C HIS A 224 -1.48 -11.63 -16.98
N MET A 225 -0.54 -11.06 -16.24
CA MET A 225 -0.36 -9.61 -16.25
C MET A 225 1.03 -9.31 -15.75
N VAL A 226 1.45 -8.08 -15.96
CA VAL A 226 2.73 -7.60 -15.48
C VAL A 226 2.35 -6.91 -14.16
N TYR A 227 2.90 -7.39 -13.04
CA TYR A 227 2.57 -6.78 -11.76
C TYR A 227 3.56 -7.15 -10.67
N VAL A 228 3.37 -6.58 -9.48
CA VAL A 228 4.21 -6.88 -8.32
C VAL A 228 3.41 -7.90 -7.52
N PRO A 229 3.68 -9.20 -7.74
CA PRO A 229 2.93 -10.25 -7.03
C PRO A 229 2.85 -10.18 -5.51
N SER A 230 3.89 -9.72 -4.84
CA SER A 230 3.82 -9.65 -3.39
C SER A 230 2.68 -8.68 -3.02
N HIS A 231 2.53 -7.61 -3.80
CA HIS A 231 1.48 -6.62 -3.56
C HIS A 231 0.08 -7.24 -3.76
N LEU A 232 -0.07 -8.02 -4.83
CA LEU A 232 -1.34 -8.66 -5.14
C LEU A 232 -1.70 -9.68 -4.07
N TYR A 233 -0.69 -10.42 -3.65
CA TYR A 233 -0.83 -11.44 -2.60
C TYR A 233 -1.35 -10.76 -1.33
N HIS A 234 -0.67 -9.69 -0.93
CA HIS A 234 -1.07 -8.96 0.25
C HIS A 234 -2.57 -8.62 0.22
N MET A 235 -3.01 -7.97 -0.86
CA MET A 235 -4.41 -7.59 -1.00
C MET A 235 -5.36 -8.78 -0.91
N LEU A 236 -5.05 -9.84 -1.67
CA LEU A 236 -5.89 -11.03 -1.68
C LEU A 236 -5.91 -11.73 -0.33
N PHE A 237 -4.75 -11.84 0.29
CA PHE A 237 -4.64 -12.46 1.60
C PHE A 237 -5.49 -11.74 2.65
N GLU A 238 -5.40 -10.40 2.69
CA GLU A 238 -6.18 -9.63 3.64
C GLU A 238 -7.68 -9.75 3.36
N LEU A 239 -8.06 -9.75 2.08
CA LEU A 239 -9.47 -9.87 1.75
C LEU A 239 -9.97 -11.27 2.08
N PHE A 240 -9.11 -12.28 1.89
CA PHE A 240 -9.53 -13.64 2.22
C PHE A 240 -9.76 -13.81 3.73
N LYS A 241 -8.92 -13.19 4.54
CA LYS A 241 -9.06 -13.29 6.01
C LYS A 241 -10.40 -12.73 6.45
N ASN A 242 -10.78 -11.59 5.86
CA ASN A 242 -12.05 -10.95 6.19
C ASN A 242 -13.22 -11.85 5.81
N ALA A 243 -13.27 -12.24 4.54
CA ALA A 243 -14.33 -13.08 4.05
C ALA A 243 -14.46 -14.38 4.87
N MET A 244 -13.33 -15.00 5.23
CA MET A 244 -13.36 -16.22 6.02
C MET A 244 -13.96 -15.98 7.40
N ARG A 245 -13.53 -14.93 8.06
CA ARG A 245 -14.01 -14.59 9.38
C ARG A 245 -15.52 -14.41 9.36
N ALA A 246 -15.98 -13.54 8.46
CA ALA A 246 -17.39 -13.24 8.33
C ALA A 246 -18.22 -14.46 7.97
N THR A 247 -17.71 -15.30 7.09
CA THR A 247 -18.46 -16.48 6.68
C THR A 247 -18.59 -17.48 7.82
N VAL A 248 -17.48 -17.74 8.49
CA VAL A 248 -17.44 -18.67 9.60
C VAL A 248 -18.27 -18.21 10.79
N GLU A 249 -18.10 -16.95 11.16
CA GLU A 249 -18.81 -16.43 12.31
C GLU A 249 -20.31 -16.25 12.11
N SER A 250 -20.72 -16.04 10.86
CA SER A 250 -22.14 -15.84 10.59
C SER A 250 -22.84 -17.18 10.32
N HIS A 251 -22.10 -18.27 10.42
CA HIS A 251 -22.66 -19.62 10.20
C HIS A 251 -22.29 -20.66 11.26
N GLU A 252 -21.94 -20.22 12.46
CA GLU A 252 -21.55 -21.09 13.60
C GLU A 252 -22.73 -21.80 14.21
N SER A 253 -23.89 -21.55 13.67
CA SER A 253 -25.11 -22.06 14.25
C SER A 253 -25.89 -22.79 13.23
N SER A 254 -25.36 -22.69 12.02
CA SER A 254 -25.86 -23.47 10.93
C SER A 254 -24.65 -24.36 10.58
N LEU A 255 -24.79 -25.20 9.58
CA LEU A 255 -23.68 -26.07 9.22
C LEU A 255 -23.17 -25.75 7.86
N ILE A 256 -24.10 -25.40 7.05
CA ILE A 256 -23.79 -25.10 5.74
C ILE A 256 -22.77 -23.97 5.93
N LEU A 257 -21.77 -23.97 5.07
CA LEU A 257 -20.70 -23.04 5.16
C LEU A 257 -20.45 -22.72 3.69
N PRO A 258 -20.94 -21.62 3.21
CA PRO A 258 -20.73 -21.29 1.80
C PRO A 258 -19.28 -20.92 1.42
N PRO A 259 -18.92 -21.19 0.15
CA PRO A 259 -17.61 -20.89 -0.41
C PRO A 259 -17.39 -19.46 -0.75
N ILE A 260 -16.13 -19.15 -0.76
CA ILE A 260 -15.74 -17.84 -1.14
C ILE A 260 -15.48 -17.99 -2.63
N LYS A 261 -16.21 -17.22 -3.44
CA LYS A 261 -16.05 -17.27 -4.89
C LYS A 261 -15.23 -16.10 -5.39
N VAL A 262 -14.29 -16.37 -6.29
CA VAL A 262 -13.47 -15.31 -6.82
C VAL A 262 -13.55 -15.34 -8.31
N MET A 263 -13.73 -14.16 -8.89
CA MET A 263 -13.76 -14.09 -10.33
C MET A 263 -12.67 -13.15 -10.81
N VAL A 264 -11.97 -13.57 -11.84
CA VAL A 264 -10.91 -12.77 -12.42
C VAL A 264 -11.36 -12.47 -13.83
N ALA A 265 -11.54 -11.18 -14.10
CA ALA A 265 -11.99 -10.72 -15.41
C ALA A 265 -10.93 -9.83 -16.02
N LEU A 266 -10.61 -10.08 -17.29
CA LEU A 266 -9.64 -9.29 -18.01
C LEU A 266 -10.34 -8.54 -19.14
N GLY A 267 -10.37 -7.22 -19.04
CA GLY A 267 -11.01 -6.42 -20.05
C GLY A 267 -9.93 -5.71 -20.85
N GLU A 268 -10.32 -4.80 -21.74
CA GLU A 268 -9.33 -4.10 -22.54
C GLU A 268 -8.37 -3.22 -21.73
N GLU A 269 -8.84 -2.66 -20.62
CA GLU A 269 -7.94 -1.87 -19.79
C GLU A 269 -7.94 -2.23 -18.31
N ASP A 270 -8.97 -2.91 -17.84
CA ASP A 270 -9.01 -3.31 -16.43
C ASP A 270 -8.78 -4.80 -16.28
N LEU A 271 -8.20 -5.16 -15.15
CA LEU A 271 -8.03 -6.55 -14.78
C LEU A 271 -8.71 -6.54 -13.41
N SER A 272 -9.90 -7.11 -13.34
CA SER A 272 -10.67 -7.09 -12.13
C SER A 272 -10.78 -8.40 -11.39
N ILE A 273 -10.68 -8.32 -10.06
CA ILE A 273 -10.75 -9.50 -9.22
C ILE A 273 -11.84 -9.30 -8.18
N LYS A 274 -12.91 -10.07 -8.29
CA LYS A 274 -14.00 -9.96 -7.33
C LYS A 274 -13.96 -11.15 -6.36
N MET A 275 -14.11 -10.86 -5.08
CA MET A 275 -14.13 -11.92 -4.07
C MET A 275 -15.48 -11.82 -3.39
N SER A 276 -16.32 -12.83 -3.58
CA SER A 276 -17.67 -12.86 -3.02
C SER A 276 -17.86 -13.82 -1.86
N ASP A 277 -18.45 -13.33 -0.78
CA ASP A 277 -18.73 -14.15 0.39
C ASP A 277 -20.18 -14.02 0.85
N ARG A 278 -20.57 -14.92 1.74
CA ARG A 278 -21.90 -14.91 2.32
C ARG A 278 -21.71 -14.88 3.82
N GLY A 279 -20.92 -13.90 4.26
CA GLY A 279 -20.63 -13.74 5.67
C GLY A 279 -21.58 -12.78 6.36
N GLY A 280 -22.81 -12.70 5.86
CA GLY A 280 -23.79 -11.82 6.48
C GLY A 280 -23.80 -10.38 5.99
N GLY A 281 -22.70 -9.94 5.37
CA GLY A 281 -22.68 -8.58 4.87
C GLY A 281 -22.50 -7.55 5.95
N VAL A 282 -22.51 -6.28 5.55
CA VAL A 282 -22.31 -5.14 6.43
C VAL A 282 -23.27 -4.00 6.04
N PRO A 283 -23.83 -3.29 7.02
CA PRO A 283 -24.76 -2.16 6.79
C PRO A 283 -24.03 -1.08 5.97
N LEU A 284 -24.64 -0.60 4.90
CA LEU A 284 -24.03 0.42 4.05
C LEU A 284 -23.35 1.54 4.84
N ARG A 285 -23.97 1.93 5.94
CA ARG A 285 -23.46 2.99 6.79
C ARG A 285 -22.12 2.68 7.50
N LYS A 286 -21.85 1.41 7.78
CA LYS A 286 -20.59 1.04 8.43
C LYS A 286 -19.50 0.75 7.41
N ILE A 287 -19.91 0.49 6.17
CA ILE A 287 -18.96 0.19 5.09
C ILE A 287 -17.95 1.31 4.91
N GLU A 288 -18.45 2.53 5.00
CA GLU A 288 -17.64 3.74 4.87
C GLU A 288 -16.52 3.78 5.91
N ARG A 289 -16.83 3.36 7.13
CA ARG A 289 -15.86 3.39 8.23
C ARG A 289 -14.81 2.29 8.16
N LEU A 290 -15.07 1.26 7.36
CA LEU A 290 -14.15 0.14 7.24
C LEU A 290 -12.77 0.52 6.70
N PHE A 291 -12.69 1.57 5.91
CA PHE A 291 -11.39 1.99 5.37
C PHE A 291 -10.77 3.12 6.18
N SER A 292 -11.34 3.39 7.35
CA SER A 292 -10.84 4.47 8.21
C SER A 292 -9.77 3.99 9.18
N TYR A 293 -8.64 4.69 9.22
CA TYR A 293 -7.58 4.32 10.13
C TYR A 293 -8.03 4.60 11.56
N MET A 294 -8.62 5.77 11.76
CA MET A 294 -9.08 6.17 13.07
C MET A 294 -10.16 5.27 13.66
N TYR A 295 -11.23 5.07 12.93
CA TYR A 295 -12.32 4.23 13.40
C TYR A 295 -11.93 2.74 13.46
N SER A 296 -10.94 2.34 12.67
CA SER A 296 -10.53 0.94 12.67
C SER A 296 -9.39 0.66 13.65
N THR A 297 -9.16 1.56 14.60
CA THR A 297 -8.09 1.36 15.59
C THR A 297 -8.65 1.29 17.01
N LEU A 310 -7.38 -13.87 13.32
CA LEU A 310 -7.04 -13.37 11.97
C LEU A 310 -6.94 -11.86 11.94
N ALA A 311 -7.87 -11.21 12.66
CA ALA A 311 -8.03 -9.75 12.71
C ALA A 311 -7.49 -8.95 13.90
N GLY A 312 -6.98 -7.75 13.63
CA GLY A 312 -6.50 -6.89 14.71
C GLY A 312 -5.28 -6.02 14.50
N PHE A 313 -4.30 -6.52 13.77
CA PHE A 313 -3.10 -5.72 13.54
C PHE A 313 -3.31 -4.80 12.34
N GLY A 314 -3.16 -5.40 11.17
CA GLY A 314 -3.33 -4.74 9.90
C GLY A 314 -3.43 -3.29 9.45
N TYR A 315 -4.67 -2.85 9.30
CA TYR A 315 -5.02 -1.59 8.67
C TYR A 315 -5.11 -2.31 7.33
N GLY A 316 -5.70 -3.51 7.40
CA GLY A 316 -5.88 -4.39 6.25
C GLY A 316 -6.53 -3.77 5.02
N LEU A 317 -7.76 -3.31 5.17
CA LEU A 317 -8.43 -2.69 4.06
C LEU A 317 -7.78 -1.37 3.65
N PRO A 318 -7.69 -0.38 4.57
CA PRO A 318 -7.05 0.85 4.08
C PRO A 318 -5.70 0.70 3.40
N ILE A 319 -4.86 -0.20 3.88
CA ILE A 319 -3.56 -0.36 3.27
C ILE A 319 -3.62 -1.24 2.03
N SER A 320 -4.51 -2.23 1.99
CA SER A 320 -4.61 -3.04 0.80
C SER A 320 -5.03 -2.10 -0.32
N ARG A 321 -5.92 -1.16 0.00
CA ARG A 321 -6.41 -0.21 -0.99
C ARG A 321 -5.28 0.65 -1.55
N LEU A 322 -4.40 1.12 -0.67
CA LEU A 322 -3.29 1.95 -1.12
C LEU A 322 -2.45 1.16 -2.14
N TYR A 323 -2.25 -0.13 -1.90
CA TYR A 323 -1.49 -0.95 -2.83
C TYR A 323 -2.17 -1.02 -4.19
N ALA A 324 -3.50 -1.03 -4.19
CA ALA A 324 -4.25 -1.08 -5.43
C ALA A 324 -4.09 0.25 -6.16
N LYS A 325 -4.25 1.34 -5.42
CA LYS A 325 -4.14 2.67 -6.00
C LYS A 325 -2.74 2.99 -6.49
N TYR A 326 -1.74 2.44 -5.81
CA TYR A 326 -0.35 2.70 -6.16
C TYR A 326 -0.02 2.64 -7.65
N PHE A 327 -0.64 1.68 -8.36
CA PHE A 327 -0.43 1.55 -9.81
C PHE A 327 -1.72 1.85 -10.60
N GLN A 328 -2.43 2.90 -10.15
CA GLN A 328 -3.66 3.35 -10.80
C GLN A 328 -4.81 2.37 -10.68
N GLY A 329 -4.78 1.51 -9.67
CA GLY A 329 -5.86 0.57 -9.48
C GLY A 329 -6.72 1.07 -8.34
N ASP A 330 -7.60 0.23 -7.82
CA ASP A 330 -8.47 0.61 -6.71
C ASP A 330 -8.92 -0.68 -6.00
N LEU A 331 -9.56 -0.52 -4.86
CA LEU A 331 -10.07 -1.66 -4.10
C LEU A 331 -11.37 -1.15 -3.49
N GLN A 332 -12.49 -1.71 -3.93
CA GLN A 332 -13.80 -1.30 -3.45
C GLN A 332 -14.56 -2.41 -2.78
N LEU A 333 -15.45 -2.02 -1.87
CA LEU A 333 -16.28 -2.97 -1.16
C LEU A 333 -17.76 -2.62 -1.27
N PHE A 334 -18.59 -3.62 -1.51
CA PHE A 334 -20.05 -3.43 -1.53
C PHE A 334 -20.69 -4.65 -0.90
N SER A 335 -21.51 -4.39 0.10
CA SER A 335 -22.15 -5.45 0.83
C SER A 335 -23.66 -5.45 0.62
N MET A 336 -24.29 -6.53 1.10
CA MET A 336 -25.74 -6.70 1.05
C MET A 336 -26.02 -7.18 2.45
N GLU A 337 -26.33 -6.28 3.39
CA GLU A 337 -26.57 -6.72 4.75
C GLU A 337 -27.56 -7.87 4.79
N GLY A 338 -27.19 -8.92 5.51
CA GLY A 338 -28.04 -10.09 5.65
C GLY A 338 -27.70 -11.17 4.65
N PHE A 339 -26.67 -10.94 3.85
CA PHE A 339 -26.31 -11.92 2.86
C PHE A 339 -24.81 -12.12 2.66
N GLY A 340 -24.13 -11.09 2.16
CA GLY A 340 -22.70 -11.21 1.94
C GLY A 340 -22.04 -9.94 1.45
N THR A 341 -20.77 -10.05 1.10
CA THR A 341 -20.00 -8.90 0.65
C THR A 341 -19.16 -9.20 -0.57
N ASP A 342 -19.00 -8.19 -1.43
CA ASP A 342 -18.15 -8.33 -2.60
C ASP A 342 -16.99 -7.35 -2.42
N ALA A 343 -15.79 -7.86 -2.51
CA ALA A 343 -14.62 -7.02 -2.38
C ALA A 343 -13.99 -7.10 -3.77
N VAL A 344 -13.74 -5.95 -4.38
CA VAL A 344 -13.17 -5.95 -5.71
C VAL A 344 -11.85 -5.21 -5.83
N ILE A 345 -10.87 -5.87 -6.46
CA ILE A 345 -9.58 -5.27 -6.72
C ILE A 345 -9.55 -4.91 -8.19
N TYR A 346 -9.34 -3.63 -8.48
CA TYR A 346 -9.25 -3.13 -9.84
C TYR A 346 -7.81 -2.79 -10.17
N LEU A 347 -7.23 -3.47 -11.15
CA LEU A 347 -5.85 -3.23 -11.57
C LEU A 347 -5.86 -2.87 -13.04
N LYS A 348 -4.80 -2.21 -13.50
CA LYS A 348 -4.68 -1.84 -14.90
C LYS A 348 -4.18 -3.07 -15.64
N ALA A 349 -4.83 -3.42 -16.75
CA ALA A 349 -4.42 -4.60 -17.51
C ALA A 349 -3.11 -4.40 -18.31
N LEU A 350 -2.90 -3.17 -18.79
CA LEU A 350 -1.71 -2.86 -19.60
C LEU A 350 -0.57 -2.24 -18.79
N SER A 351 0.66 -2.72 -19.01
CA SER A 351 1.81 -2.19 -18.28
C SER A 351 2.00 -0.72 -18.61
N THR A 352 1.42 -0.28 -19.72
CA THR A 352 1.54 1.11 -20.11
C THR A 352 0.76 2.01 -19.14
N ASP A 353 -0.36 1.49 -18.64
CA ASP A 353 -1.21 2.25 -17.74
C ASP A 353 -0.85 2.07 -16.27
N SER A 354 0.07 1.16 -15.98
CA SER A 354 0.48 0.90 -14.61
C SER A 354 1.59 1.85 -14.22
N VAL A 355 1.21 3.08 -13.90
CA VAL A 355 2.16 4.10 -13.52
C VAL A 355 1.95 4.46 -12.06
N GLU A 356 3.06 4.66 -11.35
CA GLU A 356 3.02 5.01 -9.94
C GLU A 356 2.08 6.17 -9.66
N ARG A 357 1.31 6.03 -8.59
CA ARG A 357 0.44 7.11 -8.18
C ARG A 357 1.12 7.65 -6.94
N LEU A 358 1.63 8.88 -7.03
CA LEU A 358 2.35 9.50 -5.93
C LEU A 358 1.72 10.77 -5.41
N PRO A 359 1.78 11.00 -4.10
CA PRO A 359 1.22 12.22 -3.52
C PRO A 359 2.31 13.28 -3.54
N VAL A 360 1.98 14.52 -3.91
CA VAL A 360 2.98 15.58 -3.97
C VAL A 360 2.66 16.81 -3.12
N TYR A 361 3.70 17.45 -2.61
CA TYR A 361 3.54 18.66 -1.80
C TYR A 361 3.42 19.91 -2.67
N ASN A 362 2.28 20.57 -2.58
CA ASN A 362 2.02 21.78 -3.35
C ASN A 362 1.13 22.70 -2.52
N LYS A 363 0.78 23.85 -3.08
CA LYS A 363 -0.12 24.79 -2.40
C LYS A 363 -1.48 24.10 -2.36
N SER A 364 -1.66 23.14 -3.26
CA SER A 364 -2.89 22.37 -3.36
C SER A 364 -3.05 21.43 -2.17
N ALA A 365 -2.00 20.69 -1.84
CA ALA A 365 -2.02 19.75 -0.73
C ALA A 365 -2.08 20.48 0.61
N TRP A 366 -1.66 21.74 0.62
CA TRP A 366 -1.67 22.55 1.84
C TRP A 366 -3.07 22.83 2.38
N ARG A 367 -3.96 23.33 1.52
CA ARG A 367 -5.33 23.66 1.92
C ARG A 367 -6.29 22.52 2.25
N HIS A 368 -5.81 21.28 2.20
CA HIS A 368 -6.65 20.12 2.53
C HIS A 368 -6.59 19.91 4.04
N TYR A 369 -5.70 20.66 4.69
CA TYR A 369 -5.52 20.57 6.14
C TYR A 369 -6.13 21.80 6.81
N GLN A 370 -6.78 22.64 6.01
CA GLN A 370 -7.42 23.85 6.53
C GLN A 370 -8.90 23.60 6.80
N THR A 371 -9.24 22.34 7.04
CA THR A 371 -10.63 21.97 7.32
C THR A 371 -11.10 22.63 8.62
N ILE A 372 -12.02 23.59 8.47
CA ILE A 372 -12.57 24.34 9.60
C ILE A 372 -14.05 23.98 9.79
N GLN A 373 -14.40 22.74 9.44
CA GLN A 373 -15.77 22.26 9.54
C GLN A 373 -16.45 22.56 10.89
N GLU A 374 -17.71 22.96 10.78
CA GLU A 374 -18.55 23.30 11.92
C GLU A 374 -19.90 23.68 11.30
N ALA A 375 -20.83 22.73 11.28
CA ALA A 375 -22.17 22.91 10.70
C ALA A 375 -22.05 22.78 9.16
N GLY A 376 -22.53 21.66 8.64
CA GLY A 376 -22.44 21.41 7.21
C GLY A 376 -23.44 22.07 6.28
N ASP A 377 -23.51 21.55 5.05
CA ASP A 377 -24.42 22.06 4.02
C ASP A 377 -25.73 21.26 3.90
N TRP A 378 -25.85 20.19 4.69
CA TRP A 378 -27.05 19.36 4.67
C TRP A 378 -27.69 19.31 6.07
N CYS A 379 -29.01 19.26 6.11
CA CYS A 379 -29.76 19.21 7.38
C CYS A 379 -30.50 17.88 7.51
N VAL A 380 -31.24 17.72 8.51
PG ATP B . -6.92 -6.71 10.18
O1G ATP B . -6.02 -5.68 10.41
O2G ATP B . -7.38 -6.64 8.85
O3G ATP B . -6.26 -7.96 10.36
PB ATP B . -9.51 -6.40 10.54
O1B ATP B . -10.48 -6.13 11.62
O2B ATP B . -9.90 -7.60 9.76
O3B ATP B . -8.02 -6.60 11.18
PA ATP B . -9.73 -4.68 8.10
O1A ATP B . -9.55 -5.83 7.25
O2A ATP B . -9.13 -3.39 7.74
O3A ATP B . -9.39 -5.11 9.61
O5' ATP B . -11.25 -4.23 8.06
C5' ATP B . -12.06 -4.96 8.92
C4' ATP B . -13.40 -4.64 9.36
O4' ATP B . -14.47 -4.59 8.36
C3' ATP B . -13.63 -5.95 10.14
O3' ATP B . -13.15 -5.78 11.50
C2' ATP B . -15.07 -6.35 9.93
O2' ATP B . -15.85 -5.79 10.96
C1' ATP B . -15.37 -5.68 8.56
N9 ATP B . -15.23 -6.50 7.31
C8 ATP B . -14.21 -6.59 6.38
N7 ATP B . -14.39 -7.42 5.41
C5 ATP B . -15.63 -7.94 5.69
C6 ATP B . -16.49 -8.94 5.06
N6 ATP B . -16.12 -9.54 3.94
N1 ATP B . -17.73 -9.25 5.64
C2 ATP B . -18.13 -8.64 6.80
N3 ATP B . -17.39 -7.70 7.45
C4 ATP B . -16.17 -7.41 6.88
N1 TF1 C . 14.50 2.57 -12.53
C1 TF1 C . 14.67 1.38 -11.75
C2 TF1 C . 13.71 2.32 -13.78
C3 TF1 C . 14.77 3.99 -12.18
C4 TF1 C . 15.44 1.41 -10.36
O1 TF1 C . 14.18 0.31 -12.13
C5 TF1 C . 14.37 3.08 -14.95
C6 TF1 C . 12.22 2.70 -13.56
C7 TF1 C . 15.47 4.74 -13.33
C8 TF1 C . 14.50 1.89 -9.17
C9 TF1 C . 15.90 -0.05 -10.05
O2 TF1 C . 16.55 2.13 -10.44
N2 TF1 C . 14.65 4.51 -14.56
C10 TF1 C . 16.93 4.27 -13.57
F1 TF1 C . 13.43 1.13 -9.08
F2 TF1 C . 15.12 1.89 -8.02
F3 TF1 C . 14.08 3.13 -9.37
C11 TF1 C . 14.14 5.53 -15.41
C12 TF1 C . 14.38 6.99 -15.18
O3 TF1 C . 13.49 5.20 -16.39
C13 TF1 C . 15.74 7.47 -15.27
C14 TF1 C . 13.28 7.91 -14.98
C15 TF1 C . 16.01 8.86 -15.18
C16 TF1 C . 13.56 9.33 -14.90
C17 TF1 C . 14.93 9.79 -15.01
C18 TF1 C . 15.26 11.19 -14.91
N3 TF1 C . 15.55 12.31 -14.83
MG MG D . -8.69 -7.84 7.93
#